data_7NDK
#
_entry.id   7NDK
#
_cell.length_a   38.753
_cell.length_b   61.475
_cell.length_c   111.620
_cell.angle_alpha   90.000
_cell.angle_beta   90.060
_cell.angle_gamma   90.000
#
_symmetry.space_group_name_H-M   'P 1 21 1'
#
loop_
_entity.id
_entity.type
_entity.pdbx_description
1 polymer 'Probable ribonuclease ZC3H12C'
2 non-polymer 'SODIUM ION'
3 water water
#
_entity_poly.entity_id   1
_entity_poly.type   'polypeptide(L)'
_entity_poly.pdbx_seq_one_letter_code
;DGENLRPVVINGSNVAMSHGNKEVFSCRGIKLAVDWFLERGHKDITVFVPAWRKEQSRPDALITDQEILRKLEKEKILVF
TPSRRVQGRRVVCYDDRFIVKLAFESDGIIVSNDNYRDLANEKPEWKKFIDERLLMYSFVNDKFMPPDDPLGRHGPSLDN
FLRK
;
_entity_poly.pdbx_strand_id   A,B,C,D
#
# COMPACT_ATOMS: atom_id res chain seq x y z
N ASP A 1 -34.39 -3.22 -9.80
CA ASP A 1 -35.26 -3.68 -8.67
C ASP A 1 -36.05 -4.94 -9.04
N GLY A 2 -35.34 -6.04 -9.25
CA GLY A 2 -35.92 -7.26 -9.81
C GLY A 2 -34.92 -8.36 -10.11
N GLU A 3 -33.77 -7.99 -10.66
CA GLU A 3 -32.63 -8.90 -10.86
C GLU A 3 -32.04 -9.35 -9.52
N ASN A 4 -32.36 -10.58 -9.11
CA ASN A 4 -31.88 -11.13 -7.83
C ASN A 4 -30.39 -11.47 -7.81
N LEU A 5 -29.78 -11.62 -9.00
CA LEU A 5 -28.32 -11.76 -9.12
C LEU A 5 -27.69 -10.37 -9.14
N ARG A 6 -26.52 -10.24 -8.52
CA ARG A 6 -25.83 -8.95 -8.41
C ARG A 6 -25.03 -8.67 -9.68
N PRO A 7 -24.77 -7.37 -9.98
CA PRO A 7 -23.80 -7.10 -11.03
C PRO A 7 -22.39 -7.54 -10.65
N VAL A 8 -21.56 -7.79 -11.66
CA VAL A 8 -20.17 -8.21 -11.45
C VAL A 8 -19.31 -7.15 -12.14
N VAL A 9 -18.31 -6.65 -11.42
CA VAL A 9 -17.34 -5.71 -11.99
C VAL A 9 -15.98 -6.34 -11.80
N ILE A 10 -15.21 -6.42 -12.89
CA ILE A 10 -13.97 -7.19 -12.94
C ILE A 10 -12.74 -6.32 -13.21
N ASN A 11 -11.75 -6.44 -12.36
CA ASN A 11 -10.45 -5.82 -12.57
C ASN A 11 -9.68 -6.65 -13.60
N GLY A 12 -9.91 -6.39 -14.88
CA GLY A 12 -9.28 -7.12 -15.97
C GLY A 12 -7.76 -7.19 -15.88
N SER A 13 -7.11 -6.05 -15.63
CA SER A 13 -5.63 -6.00 -15.56
C SER A 13 -5.03 -6.99 -14.60
N ASN A 14 -5.66 -7.15 -13.44
CA ASN A 14 -5.18 -8.08 -12.42
C ASN A 14 -5.52 -9.51 -12.80
N VAL A 15 -6.69 -9.69 -13.40
CA VAL A 15 -7.11 -11.01 -13.85
C VAL A 15 -6.12 -11.49 -14.90
N ALA A 16 -6.07 -10.79 -16.02
CA ALA A 16 -5.16 -11.13 -17.12
C ALA A 16 -3.77 -11.48 -16.62
N MET A 17 -3.21 -10.61 -15.81
CA MET A 17 -1.91 -10.84 -15.16
C MET A 17 -1.89 -12.03 -14.23
N SER A 18 -2.98 -12.25 -13.50
CA SER A 18 -3.10 -13.47 -12.68
C SER A 18 -3.39 -14.74 -13.50
N HIS A 19 -3.72 -14.60 -14.78
CA HIS A 19 -3.70 -15.75 -15.70
C HIS A 19 -2.32 -15.94 -16.37
N GLY A 20 -1.98 -17.20 -16.59
CA GLY A 20 -0.80 -17.56 -17.38
C GLY A 20 0.50 -17.28 -16.64
N ASN A 21 1.47 -16.70 -17.36
CA ASN A 21 2.73 -16.30 -16.73
C ASN A 21 2.43 -15.06 -15.91
N LYS A 22 2.94 -15.01 -14.67
CA LYS A 22 2.64 -13.88 -13.77
C LYS A 22 2.86 -12.49 -14.40
N GLU A 23 3.92 -12.34 -15.21
CA GLU A 23 4.21 -11.07 -15.90
C GLU A 23 3.45 -10.87 -17.23
N VAL A 24 2.89 -11.96 -17.78
CA VAL A 24 2.13 -11.89 -19.03
C VAL A 24 0.68 -11.46 -18.80
N PHE A 25 0.25 -10.46 -19.57
CA PHE A 25 -1.16 -10.04 -19.64
C PHE A 25 -1.95 -11.07 -20.47
N SER A 26 -2.33 -12.17 -19.85
CA SER A 26 -3.08 -13.20 -20.57
C SER A 26 -4.56 -12.82 -20.56
N CYS A 27 -4.95 -12.00 -21.54
CA CYS A 27 -6.32 -11.55 -21.73
C CYS A 27 -7.32 -12.65 -21.41
N ARG A 28 -7.17 -13.80 -22.08
CA ARG A 28 -8.11 -14.94 -21.96
C ARG A 28 -8.65 -15.20 -20.53
N GLY A 29 -7.84 -14.93 -19.51
CA GLY A 29 -8.30 -14.88 -18.11
C GLY A 29 -9.61 -14.11 -17.87
N ILE A 30 -9.83 -13.02 -18.58
CA ILE A 30 -11.10 -12.27 -18.45
C ILE A 30 -12.30 -13.14 -18.91
N LYS A 31 -12.39 -13.43 -20.21
CA LYS A 31 -13.43 -14.32 -20.79
C LYS A 31 -13.78 -15.52 -19.92
N LEU A 32 -12.77 -16.24 -19.45
CA LEU A 32 -12.97 -17.35 -18.51
C LEU A 32 -13.76 -16.94 -17.27
N ALA A 33 -13.38 -15.82 -16.65
CA ALA A 33 -14.12 -15.25 -15.52
C ALA A 33 -15.52 -14.79 -15.94
N VAL A 34 -15.63 -14.22 -17.13
CA VAL A 34 -16.95 -13.84 -17.68
C VAL A 34 -17.82 -15.10 -17.90
N ASP A 35 -17.23 -16.15 -18.46
CA ASP A 35 -17.92 -17.44 -18.63
C ASP A 35 -18.28 -18.12 -17.31
N TRP A 36 -17.54 -17.84 -16.25
CA TRP A 36 -17.96 -18.24 -14.91
C TRP A 36 -19.27 -17.55 -14.51
N PHE A 37 -19.37 -16.25 -14.75
CA PHE A 37 -20.54 -15.46 -14.34
C PHE A 37 -21.73 -15.51 -15.31
N LEU A 38 -21.48 -15.76 -16.59
CA LEU A 38 -22.57 -15.92 -17.57
C LEU A 38 -23.32 -17.25 -17.42
N GLU A 39 -22.59 -18.33 -17.16
CA GLU A 39 -23.20 -19.65 -16.91
C GLU A 39 -23.93 -19.72 -15.57
N ARG A 40 -23.47 -18.96 -14.58
CA ARG A 40 -24.17 -18.85 -13.29
C ARG A 40 -25.50 -18.11 -13.42
N GLY A 41 -25.63 -17.25 -14.43
CA GLY A 41 -26.87 -16.54 -14.73
C GLY A 41 -26.79 -15.02 -14.70
N HIS A 42 -25.61 -14.45 -14.43
CA HIS A 42 -25.44 -12.99 -14.37
C HIS A 42 -25.53 -12.42 -15.76
N LYS A 43 -26.29 -11.33 -15.91
CA LYS A 43 -26.40 -10.59 -17.17
C LYS A 43 -25.57 -9.30 -17.15
N ASP A 44 -25.59 -8.59 -16.02
CA ASP A 44 -24.77 -7.38 -15.84
C ASP A 44 -23.33 -7.76 -15.42
N ILE A 45 -22.41 -7.68 -16.38
CA ILE A 45 -20.97 -7.79 -16.13
C ILE A 45 -20.27 -6.59 -16.77
N THR A 46 -19.23 -6.07 -16.10
CA THR A 46 -18.38 -5.03 -16.65
C THR A 46 -16.91 -5.29 -16.28
N VAL A 47 -16.00 -5.21 -17.26
CA VAL A 47 -14.57 -5.45 -17.01
C VAL A 47 -13.76 -4.21 -17.41
N PHE A 48 -13.06 -3.60 -16.44
CA PHE A 48 -12.26 -2.38 -16.67
C PHE A 48 -10.78 -2.70 -16.89
N VAL A 49 -10.30 -2.39 -18.11
CA VAL A 49 -8.88 -2.45 -18.49
C VAL A 49 -8.47 -1.06 -18.93
N PRO A 50 -7.21 -0.63 -18.65
CA PRO A 50 -6.70 0.63 -19.23
C PRO A 50 -6.69 0.64 -20.75
N ALA A 51 -6.87 1.81 -21.36
CA ALA A 51 -7.02 1.92 -22.81
C ALA A 51 -5.80 1.44 -23.59
N TRP A 52 -4.61 1.81 -23.13
CA TRP A 52 -3.33 1.40 -23.76
C TRP A 52 -3.19 -0.11 -24.05
N ARG A 53 -3.88 -0.97 -23.31
CA ARG A 53 -3.91 -2.40 -23.65
C ARG A 53 -4.47 -2.68 -25.06
N LYS A 54 -5.39 -1.84 -25.54
CA LYS A 54 -5.82 -1.88 -26.94
C LYS A 54 -4.66 -1.61 -27.91
N GLU A 55 -3.79 -0.66 -27.56
CA GLU A 55 -2.68 -0.22 -28.41
C GLU A 55 -1.33 -0.68 -27.85
N LEU A 62 4.49 -8.37 -23.81
CA LEU A 62 4.08 -9.37 -22.83
C LEU A 62 2.55 -9.39 -22.69
N ILE A 63 1.87 -9.34 -23.82
CA ILE A 63 0.41 -9.34 -23.85
C ILE A 63 -0.07 -10.31 -24.95
N THR A 64 -0.87 -11.30 -24.54
CA THR A 64 -1.36 -12.35 -25.44
C THR A 64 -2.88 -12.29 -25.57
N ASP A 65 -3.36 -12.53 -26.79
CA ASP A 65 -4.78 -12.58 -27.13
C ASP A 65 -5.54 -11.28 -26.88
N GLN A 66 -4.96 -10.19 -27.39
CA GLN A 66 -5.58 -8.84 -27.35
C GLN A 66 -6.97 -8.82 -28.00
N GLU A 67 -7.18 -9.68 -28.99
CA GLU A 67 -8.44 -9.76 -29.72
C GLU A 67 -9.64 -10.19 -28.85
N ILE A 68 -9.35 -10.74 -27.66
CA ILE A 68 -10.38 -10.95 -26.63
C ILE A 68 -10.97 -9.61 -26.15
N LEU A 69 -10.12 -8.60 -26.01
CA LEU A 69 -10.55 -7.27 -25.58
C LEU A 69 -11.35 -6.49 -26.65
N ARG A 70 -11.43 -7.01 -27.89
CA ARG A 70 -12.19 -6.37 -28.97
C ARG A 70 -13.65 -6.74 -28.84
N LYS A 71 -13.92 -8.02 -28.59
CA LYS A 71 -15.28 -8.55 -28.60
C LYS A 71 -16.00 -8.19 -27.31
N LEU A 72 -15.38 -8.46 -26.17
CA LEU A 72 -15.93 -8.08 -24.86
C LEU A 72 -16.26 -6.58 -24.76
N GLU A 73 -15.50 -5.74 -25.45
CA GLU A 73 -15.81 -4.30 -25.55
C GLU A 73 -17.08 -4.02 -26.35
N LYS A 74 -17.16 -4.63 -27.54
CA LYS A 74 -18.31 -4.45 -28.43
C LYS A 74 -19.54 -5.18 -27.91
N GLU A 75 -19.34 -6.18 -27.05
CA GLU A 75 -20.43 -6.96 -26.46
C GLU A 75 -21.10 -6.34 -25.21
N LYS A 76 -20.73 -5.10 -24.85
CA LYS A 76 -21.23 -4.37 -23.66
C LYS A 76 -20.56 -4.76 -22.33
N ILE A 77 -19.61 -5.70 -22.36
CA ILE A 77 -19.00 -6.22 -21.13
C ILE A 77 -17.75 -5.44 -20.74
N LEU A 78 -16.94 -4.96 -21.70
CA LEU A 78 -15.66 -4.29 -21.39
C LEU A 78 -15.66 -2.77 -21.64
N VAL A 79 -14.88 -2.06 -20.81
CA VAL A 79 -14.61 -0.62 -21.01
C VAL A 79 -13.11 -0.34 -20.85
N PHE A 80 -12.60 0.58 -21.66
CA PHE A 80 -11.18 0.94 -21.68
C PHE A 80 -10.94 2.25 -20.91
N THR A 81 -10.40 2.14 -19.69
CA THR A 81 -10.18 3.32 -18.83
C THR A 81 -9.10 4.24 -19.45
N PRO A 82 -9.08 5.54 -19.08
CA PRO A 82 -8.21 6.46 -19.80
C PRO A 82 -6.70 6.25 -19.58
N SER A 83 -5.94 6.57 -20.63
CA SER A 83 -4.47 6.69 -20.58
C SER A 83 -3.98 7.38 -21.86
N ARG A 84 -2.75 7.92 -21.83
CA ARG A 84 -2.16 8.61 -22.99
C ARG A 84 -0.62 8.76 -22.87
N ARG A 85 -0.03 9.82 -23.44
CA ARG A 85 1.42 10.08 -23.34
C ARG A 85 1.72 11.52 -22.89
N VAL A 86 2.86 11.67 -22.22
CA VAL A 86 3.34 12.98 -21.73
C VAL A 86 4.87 12.96 -21.61
N ARG A 90 4.21 8.27 -19.89
CA ARG A 90 2.87 7.71 -19.95
C ARG A 90 2.12 7.91 -18.64
N VAL A 91 0.82 8.21 -18.75
CA VAL A 91 -0.06 8.36 -17.59
C VAL A 91 -1.30 7.50 -17.79
N VAL A 92 -1.67 6.75 -16.75
CA VAL A 92 -2.78 5.80 -16.81
C VAL A 92 -3.70 6.10 -15.62
N CYS A 93 -4.89 6.64 -15.91
CA CYS A 93 -5.87 6.93 -14.87
C CYS A 93 -6.27 5.62 -14.20
N TYR A 94 -6.21 5.57 -12.87
CA TYR A 94 -6.37 4.31 -12.15
C TYR A 94 -7.78 3.74 -12.29
N ASP A 95 -7.85 2.57 -12.93
CA ASP A 95 -9.09 1.80 -13.07
C ASP A 95 -9.69 1.38 -11.71
N ASP A 96 -8.82 1.27 -10.70
CA ASP A 96 -9.21 0.98 -9.32
C ASP A 96 -10.46 1.74 -8.85
N ARG A 97 -10.51 3.05 -9.10
CA ARG A 97 -11.63 3.90 -8.69
C ARG A 97 -12.92 3.60 -9.48
N PHE A 98 -12.76 3.42 -10.79
CA PHE A 98 -13.86 3.12 -11.72
C PHE A 98 -14.61 1.84 -11.35
N ILE A 99 -13.85 0.83 -10.92
CA ILE A 99 -14.42 -0.43 -10.47
C ILE A 99 -15.19 -0.25 -9.15
N VAL A 100 -14.54 0.33 -8.15
CA VAL A 100 -15.15 0.49 -6.82
C VAL A 100 -16.46 1.29 -6.90
N LYS A 101 -16.40 2.42 -7.60
CA LYS A 101 -17.56 3.31 -7.76
C LYS A 101 -18.74 2.68 -8.52
N LEU A 102 -18.44 1.90 -9.57
CA LEU A 102 -19.48 1.20 -10.34
C LEU A 102 -20.12 0.12 -9.49
N ALA A 103 -19.29 -0.73 -8.89
CA ALA A 103 -19.79 -1.80 -8.03
C ALA A 103 -20.56 -1.27 -6.82
N PHE A 104 -20.10 -0.16 -6.24
CA PHE A 104 -20.78 0.49 -5.12
C PHE A 104 -22.21 0.86 -5.49
N GLU A 105 -22.35 1.65 -6.55
CA GLU A 105 -23.64 2.15 -7.02
C GLU A 105 -24.52 1.05 -7.64
N SER A 106 -23.93 0.15 -8.42
CA SER A 106 -24.66 -0.95 -9.04
C SER A 106 -25.06 -2.05 -8.04
N ASP A 107 -24.49 -2.01 -6.83
CA ASP A 107 -24.81 -2.94 -5.75
C ASP A 107 -24.24 -4.33 -6.05
N GLY A 108 -23.07 -4.34 -6.70
CA GLY A 108 -22.49 -5.55 -7.25
C GLY A 108 -21.27 -5.98 -6.48
N ILE A 109 -20.41 -6.74 -7.16
CA ILE A 109 -19.20 -7.28 -6.57
C ILE A 109 -18.02 -6.71 -7.33
N ILE A 110 -16.85 -6.77 -6.70
CA ILE A 110 -15.59 -6.40 -7.31
C ILE A 110 -14.77 -7.68 -7.39
N VAL A 111 -14.40 -8.07 -8.60
CA VAL A 111 -13.67 -9.32 -8.81
C VAL A 111 -12.20 -8.96 -8.96
N SER A 112 -11.39 -9.32 -7.98
CA SER A 112 -10.00 -8.92 -7.96
C SER A 112 -9.26 -9.68 -6.86
N ASN A 113 -7.97 -9.92 -7.09
CA ASN A 113 -7.06 -10.34 -6.01
C ASN A 113 -6.38 -9.13 -5.34
N ASP A 114 -6.69 -7.92 -5.81
CA ASP A 114 -6.27 -6.68 -5.15
C ASP A 114 -7.19 -6.47 -3.96
N ASN A 115 -6.58 -6.30 -2.79
CA ASN A 115 -7.32 -6.01 -1.55
C ASN A 115 -8.04 -4.67 -1.55
N TYR A 116 -7.62 -3.74 -2.41
CA TYR A 116 -8.17 -2.38 -2.45
C TYR A 116 -8.09 -1.71 -1.06
N ARG A 117 -6.93 -1.89 -0.41
CA ARG A 117 -6.66 -1.23 0.87
C ARG A 117 -6.57 0.29 0.67
N ASP A 118 -5.93 0.71 -0.41
CA ASP A 118 -5.89 2.13 -0.81
C ASP A 118 -7.27 2.81 -0.79
N LEU A 119 -8.24 2.26 -1.51
CA LEU A 119 -9.56 2.89 -1.64
C LEU A 119 -10.43 2.67 -0.40
N ALA A 120 -10.21 1.56 0.28
CA ALA A 120 -10.82 1.29 1.59
C ALA A 120 -10.38 2.31 2.63
N ASN A 121 -9.07 2.54 2.72
CA ASN A 121 -8.49 3.49 3.67
C ASN A 121 -8.99 4.93 3.45
N GLU A 122 -9.37 5.25 2.22
CA GLU A 122 -9.88 6.56 1.83
C GLU A 122 -11.12 7.02 2.60
N LYS A 123 -12.18 6.22 2.54
CA LYS A 123 -13.49 6.59 3.10
C LYS A 123 -14.24 5.35 3.61
N PRO A 124 -14.85 5.45 4.81
CA PRO A 124 -15.35 4.28 5.56
C PRO A 124 -16.45 3.47 4.85
N GLU A 125 -17.25 4.13 4.01
CA GLU A 125 -18.24 3.45 3.18
C GLU A 125 -17.63 2.50 2.16
N TRP A 126 -16.44 2.83 1.64
CA TRP A 126 -15.75 1.97 0.68
C TRP A 126 -15.05 0.80 1.35
N LYS A 127 -14.48 0.99 2.53
CA LYS A 127 -13.94 -0.13 3.33
C LYS A 127 -15.00 -1.17 3.65
N LYS A 128 -16.17 -0.71 4.13
CA LYS A 128 -17.29 -1.61 4.43
C LYS A 128 -17.65 -2.39 3.18
N PHE A 129 -17.97 -1.66 2.10
CA PHE A 129 -18.39 -2.26 0.83
C PHE A 129 -17.34 -3.19 0.20
N ILE A 130 -16.07 -2.78 0.19
CA ILE A 130 -14.97 -3.62 -0.33
C ILE A 130 -14.93 -4.95 0.41
N ASP A 131 -14.83 -4.89 1.74
CA ASP A 131 -14.66 -6.08 2.59
C ASP A 131 -15.88 -7.01 2.57
N GLU A 132 -17.04 -6.46 2.23
CA GLU A 132 -18.27 -7.25 2.15
C GLU A 132 -18.56 -7.79 0.77
N ARG A 133 -17.99 -7.19 -0.28
CA ARG A 133 -18.37 -7.48 -1.67
C ARG A 133 -17.19 -7.70 -2.64
N LEU A 134 -16.02 -8.02 -2.11
CA LEU A 134 -14.86 -8.29 -2.95
C LEU A 134 -14.85 -9.79 -3.17
N LEU A 135 -14.90 -10.20 -4.44
CA LEU A 135 -14.80 -11.64 -4.80
C LEU A 135 -13.39 -11.99 -5.28
N MET A 136 -12.60 -12.59 -4.39
CA MET A 136 -11.25 -13.06 -4.74
C MET A 136 -11.34 -14.40 -5.48
N TYR A 137 -10.22 -14.85 -6.05
CA TYR A 137 -10.21 -16.02 -6.93
C TYR A 137 -8.83 -16.67 -7.01
N SER A 138 -8.77 -17.87 -7.61
CA SER A 138 -7.52 -18.49 -8.05
C SER A 138 -7.69 -19.07 -9.45
N PHE A 139 -6.62 -19.01 -10.25
CA PHE A 139 -6.56 -19.71 -11.52
C PHE A 139 -5.72 -20.96 -11.37
N VAL A 140 -6.30 -22.10 -11.75
CA VAL A 140 -5.54 -23.32 -11.98
C VAL A 140 -5.77 -23.65 -13.45
N ASN A 141 -4.75 -23.47 -14.27
CA ASN A 141 -4.86 -23.60 -15.73
C ASN A 141 -5.95 -22.69 -16.30
N ASP A 142 -6.98 -23.22 -16.95
CA ASP A 142 -8.17 -22.43 -17.34
C ASP A 142 -9.35 -22.69 -16.38
N LYS A 143 -9.07 -22.86 -15.08
CA LYS A 143 -10.10 -23.11 -14.06
C LYS A 143 -10.23 -21.90 -13.13
N PHE A 144 -11.24 -21.07 -13.41
CA PHE A 144 -11.57 -19.89 -12.59
C PHE A 144 -12.40 -20.40 -11.41
N MET A 145 -11.73 -20.60 -10.27
CA MET A 145 -12.35 -21.12 -9.06
C MET A 145 -12.49 -20.01 -8.01
N PRO A 146 -13.69 -19.43 -7.88
CA PRO A 146 -13.95 -18.59 -6.72
C PRO A 146 -14.16 -19.42 -5.46
N PRO A 147 -13.71 -18.93 -4.28
CA PRO A 147 -13.97 -19.64 -3.03
C PRO A 147 -15.48 -19.67 -2.70
N ASP A 148 -15.93 -20.80 -2.16
CA ASP A 148 -17.30 -20.93 -1.67
C ASP A 148 -17.44 -20.39 -0.23
N ASP A 149 -16.37 -19.78 0.26
CA ASP A 149 -16.34 -19.06 1.53
C ASP A 149 -15.69 -17.69 1.31
N PRO A 150 -16.28 -16.85 0.42
CA PRO A 150 -15.61 -15.63 -0.06
C PRO A 150 -15.22 -14.58 1.01
N LEU A 151 -15.90 -14.57 2.16
CA LEU A 151 -15.53 -13.71 3.30
C LEU A 151 -14.87 -14.55 4.41
N GLY A 152 -14.23 -15.67 4.03
CA GLY A 152 -13.97 -16.74 4.97
C GLY A 152 -15.28 -17.43 5.33
N ARG A 153 -15.27 -18.15 6.44
CA ARG A 153 -16.42 -18.97 6.84
C ARG A 153 -17.58 -18.16 7.41
N HIS A 154 -17.26 -17.09 8.14
CA HIS A 154 -18.24 -16.32 8.93
C HIS A 154 -19.24 -15.50 8.09
N GLY A 155 -19.02 -15.38 6.77
CA GLY A 155 -19.94 -14.70 5.85
C GLY A 155 -20.78 -15.67 5.04
N PRO A 156 -21.48 -15.17 4.00
CA PRO A 156 -22.26 -16.04 3.11
C PRO A 156 -21.42 -17.03 2.30
N SER A 157 -22.12 -18.00 1.70
CA SER A 157 -21.51 -18.96 0.79
C SER A 157 -21.31 -18.27 -0.59
N LEU A 158 -21.01 -19.03 -1.64
CA LEU A 158 -20.84 -18.44 -2.97
C LEU A 158 -22.17 -17.97 -3.57
N ASP A 159 -23.18 -18.84 -3.53
CA ASP A 159 -24.52 -18.47 -4.02
C ASP A 159 -25.09 -17.26 -3.29
N ASN A 160 -25.11 -17.29 -1.96
CA ASN A 160 -25.63 -16.15 -1.16
C ASN A 160 -24.89 -14.85 -1.47
N PHE A 161 -23.56 -14.93 -1.56
CA PHE A 161 -22.71 -13.76 -1.86
C PHE A 161 -23.02 -13.16 -3.23
N LEU A 162 -23.26 -14.02 -4.21
CA LEU A 162 -23.52 -13.58 -5.59
C LEU A 162 -24.93 -13.05 -5.87
N ARG A 163 -25.84 -13.12 -4.89
CA ARG A 163 -27.25 -12.73 -5.06
C ARG A 163 -27.73 -11.71 -4.04
N LYS A 164 -28.60 -10.82 -4.52
CA LYS A 164 -29.43 -9.96 -3.68
C LYS A 164 -30.47 -10.82 -2.97
N GLU B 3 -8.92 1.06 19.08
CA GLU B 3 -9.51 0.34 17.90
C GLU B 3 -10.08 1.23 16.78
N ASN B 4 -10.34 2.51 17.06
CA ASN B 4 -10.82 3.47 16.02
C ASN B 4 -9.64 4.15 15.27
N LEU B 5 -8.40 3.98 15.76
CA LEU B 5 -7.23 4.67 15.20
C LEU B 5 -6.05 3.71 15.06
N ARG B 6 -5.30 3.85 13.97
CA ARG B 6 -4.29 2.86 13.60
C ARG B 6 -3.09 2.98 14.49
N PRO B 7 -2.36 1.86 14.70
CA PRO B 7 -1.06 1.96 15.35
C PRO B 7 -0.11 2.93 14.65
N VAL B 8 0.99 3.26 15.31
CA VAL B 8 1.92 4.30 14.86
C VAL B 8 3.32 3.80 15.11
N VAL B 9 4.05 3.53 14.03
CA VAL B 9 5.47 3.23 14.10
C VAL B 9 6.19 4.47 13.61
N ILE B 10 7.10 4.98 14.44
CA ILE B 10 7.77 6.24 14.17
C ILE B 10 9.25 5.96 13.92
N ASN B 11 9.77 6.56 12.86
CA ASN B 11 11.19 6.57 12.58
C ASN B 11 11.83 7.60 13.52
N GLY B 12 12.44 7.14 14.60
CA GLY B 12 12.97 8.03 15.63
C GLY B 12 14.18 8.86 15.19
N SER B 13 15.11 8.21 14.49
CA SER B 13 16.27 8.93 13.93
C SER B 13 15.87 10.02 12.92
N ASN B 14 14.91 9.72 12.07
CA ASN B 14 14.46 10.65 11.03
C ASN B 14 13.71 11.83 11.60
N VAL B 15 12.84 11.56 12.57
CA VAL B 15 12.22 12.64 13.33
C VAL B 15 13.30 13.45 14.08
N ALA B 16 14.27 12.78 14.74
CA ALA B 16 15.41 13.44 15.42
C ALA B 16 16.31 14.30 14.55
N MET B 17 16.81 13.73 13.45
CA MET B 17 17.64 14.47 12.48
C MET B 17 16.85 15.63 11.83
N SER B 18 15.52 15.50 11.70
CA SER B 18 14.67 16.59 11.15
C SER B 18 14.45 17.80 12.08
N HIS B 19 14.37 17.57 13.39
CA HIS B 19 14.01 18.64 14.33
C HIS B 19 15.21 19.55 14.59
N GLY B 20 15.06 20.84 14.32
CA GLY B 20 16.10 21.83 14.59
C GLY B 20 17.25 21.76 13.60
N ASN B 21 18.48 21.72 14.12
CA ASN B 21 19.68 21.56 13.28
C ASN B 21 19.64 20.25 12.48
N LYS B 22 19.80 20.34 11.17
CA LYS B 22 19.79 19.14 10.32
C LYS B 22 21.05 18.25 10.44
N GLU B 23 22.09 18.74 11.12
CA GLU B 23 23.28 17.94 11.45
C GLU B 23 23.19 17.24 12.82
N VAL B 24 22.38 17.74 13.75
CA VAL B 24 22.31 17.14 15.10
C VAL B 24 21.06 16.27 15.26
N PHE B 25 21.22 15.17 16.00
CA PHE B 25 20.13 14.27 16.41
C PHE B 25 19.41 14.93 17.60
N SER B 26 18.20 15.43 17.38
CA SER B 26 17.46 16.23 18.37
C SER B 26 16.27 15.48 18.95
N CYS B 27 16.46 14.92 20.14
CA CYS B 27 15.50 13.98 20.72
C CYS B 27 14.18 14.60 21.17
N ARG B 28 14.15 15.92 21.39
CA ARG B 28 12.87 16.63 21.52
C ARG B 28 12.05 16.56 20.22
N GLY B 29 12.73 16.36 19.08
CA GLY B 29 12.04 16.01 17.84
C GLY B 29 11.09 14.86 18.06
N ILE B 30 11.61 13.81 18.71
CA ILE B 30 10.84 12.59 18.97
C ILE B 30 9.73 12.87 20.01
N LYS B 31 10.11 13.43 21.15
CA LYS B 31 9.16 13.86 22.20
C LYS B 31 7.90 14.50 21.62
N LEU B 32 8.12 15.48 20.74
CA LEU B 32 7.07 16.25 20.09
C LEU B 32 6.25 15.45 19.07
N ALA B 33 6.92 14.56 18.35
CA ALA B 33 6.22 13.64 17.42
C ALA B 33 5.29 12.70 18.16
N VAL B 34 5.80 12.11 19.25
CA VAL B 34 5.05 11.16 20.07
C VAL B 34 3.82 11.84 20.69
N ASP B 35 4.06 12.97 21.34
CA ASP B 35 2.97 13.72 21.99
C ASP B 35 1.96 14.29 21.02
N TRP B 36 2.37 14.55 19.78
CA TRP B 36 1.41 14.95 18.73
C TRP B 36 0.34 13.88 18.49
N PHE B 37 0.73 12.61 18.62
CA PHE B 37 -0.21 11.50 18.38
C PHE B 37 -1.09 11.24 19.60
N LEU B 38 -0.47 11.26 20.78
CA LEU B 38 -1.18 11.12 22.05
C LEU B 38 -2.26 12.20 22.25
N GLU B 39 -2.00 13.41 21.77
CA GLU B 39 -3.05 14.45 21.72
C GLU B 39 -4.32 13.92 21.05
N ARG B 40 -4.16 13.33 19.87
CA ARG B 40 -5.29 12.86 19.05
C ARG B 40 -6.04 11.65 19.60
N GLY B 41 -5.39 10.86 20.45
CA GLY B 41 -5.99 9.66 21.05
C GLY B 41 -5.42 8.35 20.51
N HIS B 42 -4.10 8.31 20.35
CA HIS B 42 -3.39 7.12 19.86
C HIS B 42 -2.77 6.36 21.03
N LYS B 43 -3.07 5.07 21.13
CA LYS B 43 -2.58 4.20 22.18
C LYS B 43 -1.48 3.21 21.75
N ASP B 44 -1.36 2.97 20.44
CA ASP B 44 -0.27 2.14 19.89
C ASP B 44 0.77 3.00 19.16
N ILE B 45 1.80 3.41 19.90
CA ILE B 45 2.91 4.20 19.34
C ILE B 45 4.22 3.45 19.60
N THR B 46 4.93 3.07 18.53
CA THR B 46 6.26 2.53 18.66
C THR B 46 7.24 3.44 17.94
N VAL B 47 8.12 4.06 18.72
CA VAL B 47 9.25 4.79 18.17
C VAL B 47 10.39 3.81 18.16
N PHE B 48 11.20 3.87 17.12
CA PHE B 48 12.40 3.02 17.01
C PHE B 48 13.62 3.91 16.77
N VAL B 49 14.67 3.73 17.58
CA VAL B 49 15.98 4.36 17.37
C VAL B 49 17.04 3.27 17.58
N PRO B 50 18.18 3.30 16.85
CA PRO B 50 19.28 2.34 17.14
C PRO B 50 19.92 2.43 18.52
N ALA B 51 20.61 1.35 18.91
CA ALA B 51 21.17 1.21 20.24
C ALA B 51 22.36 2.14 20.46
N TRP B 52 23.20 2.27 19.44
CA TRP B 52 24.26 3.29 19.35
C TRP B 52 23.88 4.65 19.99
N ARG B 53 22.65 5.12 19.74
CA ARG B 53 22.18 6.41 20.24
C ARG B 53 21.96 6.51 21.78
N LYS B 54 22.20 5.43 22.52
CA LYS B 54 22.14 5.47 24.00
C LYS B 54 23.28 6.30 24.62
N GLU B 55 24.51 5.95 24.27
CA GLU B 55 25.69 6.52 24.94
C GLU B 55 25.85 8.05 24.75
N GLN B 56 25.84 8.51 23.50
CA GLN B 56 26.01 9.93 23.16
C GLN B 56 25.93 10.15 21.65
N LEU B 62 27.38 14.98 18.05
CA LEU B 62 26.32 15.89 17.64
C LEU B 62 24.95 15.39 18.05
N ILE B 63 24.64 15.52 19.35
CA ILE B 63 23.35 15.07 19.91
C ILE B 63 22.90 15.99 21.05
N THR B 64 21.59 16.09 21.23
CA THR B 64 20.98 16.87 22.31
C THR B 64 19.83 16.09 22.95
N ASP B 65 19.63 16.30 24.24
CA ASP B 65 18.47 15.78 24.99
C ASP B 65 18.42 14.24 25.06
N GLN B 66 19.57 13.63 25.33
CA GLN B 66 19.71 12.17 25.44
C GLN B 66 18.68 11.53 26.40
N GLU B 67 18.28 12.27 27.43
CA GLU B 67 17.39 11.79 28.48
C GLU B 67 16.08 11.19 27.95
N ILE B 68 15.44 11.84 26.99
CA ILE B 68 14.12 11.39 26.49
C ILE B 68 14.17 10.03 25.72
N LEU B 69 15.37 9.61 25.28
CA LEU B 69 15.56 8.25 24.77
C LEU B 69 15.36 7.16 25.84
N ARG B 70 15.98 7.37 27.02
CA ARG B 70 15.76 6.45 28.15
C ARG B 70 14.34 6.57 28.71
N LYS B 71 13.80 7.79 28.68
CA LYS B 71 12.50 8.10 29.29
C LYS B 71 11.33 7.56 28.47
N LEU B 72 11.42 7.70 27.14
CA LEU B 72 10.41 7.09 26.27
C LEU B 72 10.50 5.56 26.31
N GLU B 73 11.68 5.02 26.58
CA GLU B 73 11.84 3.56 26.76
C GLU B 73 11.18 3.10 28.05
N LYS B 74 11.51 3.73 29.18
CA LYS B 74 10.90 3.39 30.48
C LYS B 74 9.36 3.40 30.45
N GLU B 75 8.78 4.22 29.57
CA GLU B 75 7.34 4.23 29.31
C GLU B 75 6.92 3.34 28.12
N LYS B 76 7.81 2.42 27.72
CA LYS B 76 7.57 1.41 26.67
C LYS B 76 7.38 1.94 25.24
N ILE B 77 7.64 3.23 25.00
CA ILE B 77 7.30 3.86 23.71
C ILE B 77 8.45 3.73 22.70
N LEU B 78 9.68 3.92 23.19
CA LEU B 78 10.87 3.94 22.34
C LEU B 78 11.72 2.69 22.57
N VAL B 79 11.67 1.77 21.60
CA VAL B 79 12.34 0.47 21.68
C VAL B 79 13.57 0.56 20.79
N PHE B 80 14.71 0.13 21.30
CA PHE B 80 15.95 0.28 20.55
C PHE B 80 16.18 -0.90 19.63
N THR B 81 16.39 -0.64 18.34
CA THR B 81 16.85 -1.70 17.45
C THR B 81 18.32 -2.01 17.76
N PRO B 82 18.80 -3.23 17.42
CA PRO B 82 20.13 -3.58 17.94
C PRO B 82 21.28 -2.91 17.18
N SER B 83 22.41 -2.73 17.84
CA SER B 83 23.67 -2.31 17.19
C SER B 83 24.85 -2.51 18.13
N ARG B 84 26.03 -2.72 17.55
CA ARG B 84 27.27 -2.91 18.32
C ARG B 84 28.54 -2.72 17.46
N ARG B 85 29.71 -2.88 18.08
CA ARG B 85 30.99 -2.95 17.38
C ARG B 85 31.37 -4.41 17.16
N ARG B 90 31.74 0.32 13.98
CA ARG B 90 30.38 0.10 14.48
C ARG B 90 29.44 -0.31 13.33
N VAL B 91 28.64 -1.34 13.58
CA VAL B 91 27.73 -1.91 12.58
C VAL B 91 26.31 -1.99 13.12
N VAL B 92 25.41 -1.22 12.53
CA VAL B 92 24.03 -1.09 13.01
C VAL B 92 23.07 -2.00 12.22
N CYS B 93 22.16 -2.66 12.91
CA CYS B 93 21.12 -3.45 12.25
C CYS B 93 20.07 -2.49 11.66
N TYR B 94 19.54 -2.81 10.49
CA TYR B 94 18.70 -1.86 9.76
C TYR B 94 17.35 -1.59 10.44
N ASP B 95 17.28 -0.44 11.14
CA ASP B 95 16.13 -0.05 11.96
C ASP B 95 14.80 0.10 11.20
N ASP B 96 14.88 0.47 9.93
CA ASP B 96 13.68 0.68 9.13
C ASP B 96 12.99 -0.65 8.79
N ARG B 97 13.73 -1.75 8.90
CA ARG B 97 13.19 -3.10 8.74
C ARG B 97 12.26 -3.43 9.89
N PHE B 98 12.72 -3.11 11.10
CA PHE B 98 11.92 -3.24 12.32
C PHE B 98 10.67 -2.36 12.23
N ILE B 99 10.80 -1.18 11.64
CA ILE B 99 9.64 -0.29 11.43
C ILE B 99 8.61 -0.84 10.43
N VAL B 100 9.06 -1.27 9.24
CA VAL B 100 8.11 -1.66 8.18
C VAL B 100 7.35 -2.90 8.60
N LYS B 101 8.09 -3.90 9.09
CA LYS B 101 7.53 -5.12 9.66
C LYS B 101 6.48 -4.91 10.76
N LEU B 102 6.82 -4.11 11.77
CA LEU B 102 5.90 -3.84 12.89
C LEU B 102 4.62 -3.10 12.49
N ALA B 103 4.75 -2.13 11.58
CA ALA B 103 3.59 -1.38 11.11
C ALA B 103 2.70 -2.30 10.26
N PHE B 104 3.30 -3.00 9.29
CA PHE B 104 2.57 -3.94 8.41
C PHE B 104 1.77 -4.96 9.21
N GLU B 105 2.48 -5.69 10.07
CA GLU B 105 1.87 -6.70 10.97
C GLU B 105 0.75 -6.15 11.84
N SER B 106 0.90 -4.90 12.29
CA SER B 106 -0.11 -4.22 13.10
C SER B 106 -1.15 -3.42 12.30
N ASP B 107 -1.06 -3.44 10.97
CA ASP B 107 -1.92 -2.66 10.07
C ASP B 107 -1.97 -1.18 10.48
N GLY B 108 -0.79 -0.64 10.73
CA GLY B 108 -0.63 0.71 11.28
C GLY B 108 -0.05 1.71 10.30
N ILE B 109 0.66 2.70 10.85
CA ILE B 109 1.17 3.85 10.11
C ILE B 109 2.64 4.06 10.44
N ILE B 110 3.41 4.42 9.41
CA ILE B 110 4.81 4.79 9.53
C ILE B 110 4.86 6.32 9.59
N VAL B 111 5.66 6.87 10.49
CA VAL B 111 5.95 8.31 10.51
C VAL B 111 7.42 8.44 10.12
N SER B 112 7.65 8.86 8.88
CA SER B 112 8.99 8.92 8.30
C SER B 112 8.95 9.66 6.97
N ASN B 113 9.90 10.56 6.76
CA ASN B 113 10.12 11.19 5.44
C ASN B 113 10.96 10.31 4.50
N ASP B 114 11.73 9.38 5.07
CA ASP B 114 12.44 8.35 4.29
C ASP B 114 11.36 7.37 3.80
N ASN B 115 11.18 7.32 2.48
CA ASN B 115 10.10 6.51 1.85
C ASN B 115 10.38 5.02 1.66
N TYR B 116 11.50 4.52 2.19
CA TYR B 116 11.83 3.09 2.20
C TYR B 116 11.65 2.43 0.83
N ARG B 117 12.22 3.11 -0.17
CA ARG B 117 12.20 2.65 -1.56
C ARG B 117 13.05 1.38 -1.71
N ASP B 118 14.13 1.29 -0.92
CA ASP B 118 14.95 0.07 -0.83
C ASP B 118 14.20 -1.15 -0.32
N LEU B 119 13.28 -0.93 0.62
CA LEU B 119 12.45 -2.00 1.18
C LEU B 119 11.17 -2.21 0.36
N ALA B 120 10.59 -1.13 -0.18
CA ALA B 120 9.44 -1.22 -1.07
C ALA B 120 9.74 -1.99 -2.37
N ASN B 121 11.00 -1.93 -2.82
CA ASN B 121 11.45 -2.70 -3.98
C ASN B 121 11.71 -4.16 -3.59
N GLU B 122 12.00 -4.39 -2.32
CA GLU B 122 12.27 -5.73 -1.77
C GLU B 122 11.07 -6.68 -1.68
N LYS B 123 9.84 -6.14 -1.66
CA LYS B 123 8.62 -6.94 -1.46
C LYS B 123 7.39 -6.22 -2.02
N PRO B 124 6.64 -6.87 -2.94
CA PRO B 124 5.42 -6.32 -3.50
C PRO B 124 4.39 -5.79 -2.49
N GLU B 125 4.15 -6.53 -1.42
CA GLU B 125 3.20 -6.10 -0.39
C GLU B 125 3.77 -5.06 0.57
N TRP B 126 5.09 -4.93 0.65
CA TRP B 126 5.69 -3.77 1.33
C TRP B 126 5.54 -2.54 0.46
N LYS B 127 5.64 -2.71 -0.87
CA LYS B 127 5.41 -1.62 -1.80
C LYS B 127 3.99 -1.09 -1.65
N LYS B 128 3.00 -1.97 -1.70
CA LYS B 128 1.59 -1.57 -1.55
C LYS B 128 1.39 -0.92 -0.18
N PHE B 129 1.89 -1.56 0.87
CA PHE B 129 1.74 -1.05 2.24
C PHE B 129 2.44 0.31 2.46
N ILE B 130 3.72 0.41 2.08
CA ILE B 130 4.48 1.67 2.26
C ILE B 130 3.89 2.80 1.40
N ASP B 131 3.51 2.49 0.15
CA ASP B 131 2.84 3.47 -0.75
C ASP B 131 1.49 3.98 -0.21
N GLU B 132 0.84 3.21 0.66
CA GLU B 132 -0.45 3.59 1.23
C GLU B 132 -0.36 4.15 2.65
N ARG B 133 0.69 3.84 3.39
CA ARG B 133 0.73 4.12 4.84
C ARG B 133 1.93 4.96 5.33
N LEU B 134 2.75 5.51 4.42
CA LEU B 134 3.87 6.36 4.83
C LEU B 134 3.32 7.72 5.21
N LEU B 135 3.42 8.08 6.49
CA LEU B 135 3.17 9.45 6.91
C LEU B 135 4.47 10.25 6.95
N MET B 136 4.47 11.36 6.23
CA MET B 136 5.57 12.30 6.20
C MET B 136 5.21 13.52 7.02
N TYR B 137 6.19 14.39 7.24
CA TYR B 137 6.00 15.55 8.11
C TYR B 137 7.00 16.65 7.78
N SER B 138 6.77 17.82 8.39
CA SER B 138 7.67 18.96 8.34
C SER B 138 7.82 19.54 9.75
N PHE B 139 9.03 19.99 10.10
CA PHE B 139 9.27 20.67 11.39
C PHE B 139 9.50 22.17 11.26
N VAL B 140 8.48 22.95 11.64
CA VAL B 140 8.63 24.41 11.69
C VAL B 140 9.17 24.74 13.08
N ASN B 141 10.47 25.01 13.15
CA ASN B 141 11.18 25.12 14.42
C ASN B 141 10.89 23.89 15.27
N ASP B 142 9.95 24.02 16.23
CA ASP B 142 9.57 22.93 17.12
C ASP B 142 8.11 22.45 16.92
N LYS B 143 7.47 22.83 15.81
CA LYS B 143 6.08 22.47 15.52
C LYS B 143 5.97 21.29 14.53
N PHE B 144 5.58 20.12 15.03
CA PHE B 144 5.47 18.89 14.23
C PHE B 144 4.22 18.90 13.35
N MET B 145 4.41 19.05 12.04
CA MET B 145 3.31 19.21 11.08
C MET B 145 3.21 18.05 10.09
N PRO B 146 2.23 17.15 10.28
CA PRO B 146 1.84 16.27 9.17
C PRO B 146 0.93 16.98 8.16
N PRO B 147 0.90 16.51 6.89
CA PRO B 147 -0.02 17.07 5.92
C PRO B 147 -1.42 16.51 6.16
N ASP B 148 -2.45 17.27 5.79
CA ASP B 148 -3.83 16.76 5.80
C ASP B 148 -4.09 15.78 4.63
N ASP B 149 -3.19 15.67 3.65
CA ASP B 149 -3.36 14.76 2.50
C ASP B 149 -2.10 13.92 2.24
N PRO B 150 -1.83 12.91 3.09
CA PRO B 150 -0.58 12.14 2.98
C PRO B 150 -0.31 11.38 1.67
N LEU B 151 -1.35 11.07 0.89
CA LEU B 151 -1.20 10.40 -0.41
C LEU B 151 -1.69 11.29 -1.57
N GLY B 152 -0.91 12.33 -1.88
CA GLY B 152 -1.24 13.25 -2.97
C GLY B 152 -2.55 14.00 -2.80
N ARG B 153 -3.10 14.48 -3.92
CA ARG B 153 -4.37 15.24 -3.89
C ARG B 153 -5.61 14.34 -4.08
N HIS B 154 -5.40 13.02 -4.20
CA HIS B 154 -6.49 12.03 -4.33
C HIS B 154 -6.69 11.11 -3.14
N GLY B 155 -5.65 10.93 -2.33
CA GLY B 155 -5.73 10.03 -1.18
C GLY B 155 -6.64 10.56 -0.07
N PRO B 156 -6.74 9.80 1.04
CA PRO B 156 -7.57 10.22 2.18
C PRO B 156 -7.09 11.50 2.83
N SER B 157 -8.00 12.20 3.49
CA SER B 157 -7.59 13.22 4.45
C SER B 157 -6.94 12.52 5.63
N LEU B 158 -6.02 13.22 6.28
CA LEU B 158 -5.22 12.67 7.39
C LEU B 158 -6.09 12.09 8.51
N ASP B 159 -7.32 12.59 8.62
CA ASP B 159 -8.30 12.11 9.61
C ASP B 159 -8.72 10.66 9.35
N ASN B 160 -9.36 10.41 8.21
CA ASN B 160 -9.79 9.06 7.82
C ASN B 160 -8.59 8.16 7.47
N PHE B 161 -7.47 8.77 7.04
CA PHE B 161 -6.19 8.08 6.85
C PHE B 161 -5.72 7.37 8.11
N LEU B 162 -5.86 8.04 9.26
CA LEU B 162 -5.48 7.47 10.57
C LEU B 162 -6.53 6.56 11.25
N ARG B 163 -7.73 6.48 10.69
CA ARG B 163 -8.76 5.56 11.22
C ARG B 163 -8.62 4.16 10.63
N LYS B 164 -9.40 3.24 11.19
CA LYS B 164 -9.59 1.91 10.60
C LYS B 164 -11.09 1.60 10.60
N LEU C 5 5.71 43.22 13.93
CA LEU C 5 5.91 42.40 12.70
C LEU C 5 5.17 41.06 12.77
N ARG C 6 4.24 40.83 11.83
CA ARG C 6 3.54 39.54 11.74
C ARG C 6 4.49 38.46 11.21
N PRO C 7 4.24 37.18 11.58
CA PRO C 7 4.96 36.05 10.98
C PRO C 7 4.85 36.02 9.47
N VAL C 8 5.99 35.85 8.81
CA VAL C 8 6.04 35.70 7.37
C VAL C 8 6.02 34.21 7.03
N VAL C 9 5.16 33.83 6.07
CA VAL C 9 5.13 32.46 5.54
C VAL C 9 5.16 32.52 4.02
N ILE C 10 6.27 32.04 3.42
CA ILE C 10 6.53 32.24 2.00
C ILE C 10 6.14 31.02 1.17
N ASN C 11 5.37 31.26 0.12
CA ASN C 11 5.13 30.25 -0.91
C ASN C 11 6.36 30.28 -1.80
N GLY C 12 7.34 29.47 -1.45
CA GLY C 12 8.64 29.50 -2.10
C GLY C 12 8.68 28.94 -3.52
N SER C 13 7.69 28.12 -3.89
CA SER C 13 7.63 27.56 -5.24
C SER C 13 7.08 28.62 -6.16
N ASN C 14 5.96 29.23 -5.76
CA ASN C 14 5.35 30.36 -6.46
C ASN C 14 6.36 31.49 -6.67
N VAL C 15 7.14 31.82 -5.65
CA VAL C 15 8.21 32.82 -5.78
C VAL C 15 9.27 32.37 -6.79
N ALA C 16 9.70 31.12 -6.66
CA ALA C 16 10.68 30.54 -7.58
C ALA C 16 10.21 30.46 -9.02
N MET C 17 8.99 29.97 -9.24
CA MET C 17 8.38 29.99 -10.58
C MET C 17 8.33 31.41 -11.11
N SER C 18 7.70 32.29 -10.34
CA SER C 18 7.49 33.70 -10.74
C SER C 18 8.77 34.48 -11.06
N HIS C 19 9.87 34.20 -10.36
CA HIS C 19 11.11 34.97 -10.57
C HIS C 19 11.80 34.67 -11.89
N GLY C 20 12.19 35.75 -12.58
CA GLY C 20 12.99 35.68 -13.80
C GLY C 20 12.18 35.17 -14.96
N ASN C 21 12.54 33.98 -15.45
CA ASN C 21 11.76 33.27 -16.45
C ASN C 21 10.67 32.51 -15.73
N LYS C 22 9.41 32.73 -16.14
CA LYS C 22 8.26 32.07 -15.51
C LYS C 22 8.39 30.54 -15.51
N GLU C 23 8.75 29.96 -16.65
CA GLU C 23 8.87 28.49 -16.76
C GLU C 23 10.02 27.90 -15.92
N VAL C 24 11.04 28.70 -15.63
CA VAL C 24 12.17 28.28 -14.79
C VAL C 24 11.81 28.44 -13.31
N PHE C 25 11.91 27.36 -12.55
CA PHE C 25 11.87 27.42 -11.08
C PHE C 25 13.17 28.10 -10.64
N SER C 26 13.10 29.42 -10.55
CA SER C 26 14.27 30.22 -10.24
C SER C 26 14.47 30.34 -8.72
N CYS C 27 15.33 29.48 -8.18
CA CYS C 27 15.61 29.47 -6.74
C CYS C 27 16.27 30.76 -6.25
N ARG C 28 16.92 31.48 -7.16
CA ARG C 28 17.40 32.84 -6.92
C ARG C 28 16.28 33.78 -6.45
N GLY C 29 15.06 33.57 -6.98
CA GLY C 29 13.89 34.35 -6.58
C GLY C 29 13.50 34.28 -5.13
N ILE C 30 13.57 33.08 -4.57
CA ILE C 30 13.30 32.86 -3.16
C ILE C 30 14.27 33.69 -2.31
N LYS C 31 15.55 33.66 -2.64
CA LYS C 31 16.53 34.50 -1.94
C LYS C 31 16.17 35.98 -1.97
N LEU C 32 15.80 36.48 -3.14
CA LEU C 32 15.42 37.89 -3.32
C LEU C 32 14.12 38.25 -2.58
N ALA C 33 13.20 37.29 -2.46
CA ALA C 33 12.01 37.47 -1.63
C ALA C 33 12.42 37.47 -0.17
N VAL C 34 13.19 36.47 0.24
CA VAL C 34 13.67 36.33 1.63
C VAL C 34 14.52 37.53 2.06
N ASP C 35 15.52 37.87 1.25
CA ASP C 35 16.43 38.99 1.57
C ASP C 35 15.70 40.33 1.73
N TRP C 36 14.53 40.48 1.11
CA TRP C 36 13.67 41.63 1.36
C TRP C 36 13.21 41.65 2.82
N PHE C 37 12.63 40.53 3.27
CA PHE C 37 12.09 40.42 4.63
C PHE C 37 13.17 40.43 5.71
N LEU C 38 14.36 39.91 5.40
CA LEU C 38 15.53 39.99 6.30
C LEU C 38 16.01 41.44 6.46
N GLU C 39 16.19 42.13 5.33
CA GLU C 39 16.56 43.56 5.33
C GLU C 39 15.45 44.48 5.86
N ARG C 40 14.19 44.11 5.63
CA ARG C 40 13.02 44.78 6.24
C ARG C 40 12.97 44.53 7.77
N GLY C 41 13.64 43.47 8.23
CA GLY C 41 13.89 43.25 9.66
C GLY C 41 12.96 42.24 10.30
N HIS C 42 12.35 41.38 9.50
CA HIS C 42 11.51 40.30 10.01
C HIS C 42 12.37 39.20 10.61
N LYS C 43 11.75 38.46 11.53
CA LYS C 43 12.41 37.45 12.36
C LYS C 43 11.78 36.08 12.05
N ASP C 44 10.46 36.02 12.22
CA ASP C 44 9.66 34.81 12.03
C ASP C 44 9.32 34.63 10.54
N ILE C 45 10.28 34.10 9.78
CA ILE C 45 10.13 33.84 8.35
C ILE C 45 10.28 32.35 8.10
N THR C 46 9.22 31.74 7.55
CA THR C 46 9.29 30.35 7.09
C THR C 46 9.01 30.30 5.60
N VAL C 47 9.83 29.56 4.88
CA VAL C 47 9.63 29.29 3.47
C VAL C 47 9.34 27.81 3.34
N PHE C 48 8.44 27.47 2.42
CA PHE C 48 8.01 26.11 2.19
C PHE C 48 8.19 25.78 0.71
N VAL C 49 9.14 24.90 0.44
CA VAL C 49 9.35 24.35 -0.90
C VAL C 49 9.30 22.82 -0.76
N PRO C 50 8.69 22.11 -1.74
CA PRO C 50 8.73 20.64 -1.68
C PRO C 50 10.14 20.05 -1.69
N ALA C 51 10.30 18.85 -1.16
CA ALA C 51 11.61 18.20 -1.09
C ALA C 51 12.15 17.85 -2.48
N TRP C 52 11.28 17.59 -3.46
CA TRP C 52 11.73 17.26 -4.83
C TRP C 52 12.39 18.42 -5.59
N ARG C 53 12.21 19.65 -5.12
CA ARG C 53 12.97 20.80 -5.63
C ARG C 53 14.39 20.85 -5.06
N LYS C 54 14.60 20.25 -3.88
CA LYS C 54 15.94 19.92 -3.39
C LYS C 54 16.48 18.66 -4.05
N GLU C 55 15.62 17.64 -4.16
CA GLU C 55 15.94 16.38 -4.84
C GLU C 55 15.81 16.62 -6.34
N GLN C 56 16.75 17.41 -6.86
CA GLN C 56 16.57 18.11 -8.14
C GLN C 56 16.55 17.09 -9.27
N SER C 57 15.38 16.89 -9.85
CA SER C 57 15.23 16.27 -11.15
C SER C 57 15.38 17.42 -12.15
N ARG C 58 16.64 17.81 -12.35
CA ARG C 58 17.00 18.99 -13.17
C ARG C 58 16.49 18.98 -14.63
N PRO C 59 16.24 17.78 -15.21
CA PRO C 59 15.50 17.81 -16.48
C PRO C 59 14.07 18.38 -16.37
N ASP C 60 13.63 18.99 -17.46
CA ASP C 60 12.23 19.33 -17.70
C ASP C 60 11.32 18.10 -17.70
N LEU C 62 12.19 22.01 -15.23
CA LEU C 62 13.41 22.83 -15.26
C LEU C 62 13.51 23.79 -14.07
N ILE C 63 14.73 23.97 -13.59
CA ILE C 63 14.99 24.61 -12.30
C ILE C 63 16.44 25.14 -12.25
N THR C 64 16.64 26.35 -11.73
CA THR C 64 17.97 26.99 -11.66
C THR C 64 18.31 27.48 -10.25
N ASP C 65 19.57 27.29 -9.86
CA ASP C 65 20.19 27.86 -8.64
C ASP C 65 19.77 27.22 -7.31
N GLN C 66 19.66 25.89 -7.31
CA GLN C 66 19.17 25.13 -6.15
C GLN C 66 20.09 25.18 -4.92
N GLU C 67 21.37 25.44 -5.14
CA GLU C 67 22.39 25.60 -4.07
C GLU C 67 21.91 26.37 -2.83
N ILE C 68 21.09 27.40 -3.06
CA ILE C 68 20.61 28.28 -1.99
C ILE C 68 19.42 27.74 -1.17
N LEU C 69 18.65 26.79 -1.72
CA LEU C 69 17.60 26.13 -0.93
C LEU C 69 18.26 25.27 0.17
N ARG C 70 19.20 24.43 -0.27
CA ARG C 70 20.16 23.73 0.57
C ARG C 70 20.88 24.64 1.61
N LYS C 71 21.09 25.91 1.26
CA LYS C 71 21.60 26.93 2.20
C LYS C 71 20.53 27.36 3.20
N LEU C 72 19.39 27.85 2.67
CA LEU C 72 18.26 28.35 3.49
C LEU C 72 17.73 27.30 4.47
N GLU C 73 17.93 26.03 4.14
CA GLU C 73 17.88 24.89 5.08
C GLU C 73 18.40 25.20 6.49
N LYS C 74 19.61 25.75 6.57
CA LYS C 74 20.34 25.92 7.84
C LYS C 74 20.40 27.36 8.37
N GLU C 75 19.57 28.25 7.84
CA GLU C 75 19.34 29.56 8.46
C GLU C 75 18.01 29.58 9.23
N LYS C 76 17.35 28.43 9.35
CA LYS C 76 16.03 28.29 9.98
C LYS C 76 14.93 29.08 9.24
N ILE C 77 15.10 29.19 7.92
CA ILE C 77 14.21 29.97 7.06
C ILE C 77 13.41 29.09 6.10
N LEU C 78 14.08 28.17 5.39
CA LEU C 78 13.42 27.27 4.44
C LEU C 78 13.20 25.87 5.01
N VAL C 79 11.93 25.54 5.25
CA VAL C 79 11.50 24.18 5.59
C VAL C 79 11.11 23.50 4.28
N PHE C 80 11.41 22.20 4.16
CA PHE C 80 11.06 21.42 2.99
C PHE C 80 9.81 20.59 3.24
N THR C 81 8.72 20.91 2.53
CA THR C 81 7.48 20.12 2.63
C THR C 81 7.67 18.77 1.92
N PRO C 82 6.82 17.77 2.23
CA PRO C 82 7.18 16.40 1.88
C PRO C 82 6.84 16.02 0.44
N SER C 83 7.71 15.21 -0.17
CA SER C 83 7.47 14.62 -1.49
C SER C 83 8.16 13.26 -1.65
N ARG C 84 7.62 12.41 -2.51
CA ARG C 84 8.04 11.01 -2.58
C ARG C 84 7.52 10.30 -3.84
N ARG C 85 8.14 9.17 -4.20
CA ARG C 85 7.67 8.33 -5.32
C ARG C 85 6.75 7.23 -4.83
N VAL C 86 5.79 6.85 -5.69
CA VAL C 86 4.72 5.89 -5.35
C VAL C 86 4.29 5.10 -6.59
N ARG C 90 6.46 10.90 -8.70
CA ARG C 90 6.46 11.91 -7.67
C ARG C 90 5.04 12.21 -7.20
N VAL C 91 4.85 12.32 -5.89
CA VAL C 91 3.63 12.90 -5.31
C VAL C 91 4.00 13.84 -4.17
N VAL C 92 3.50 15.07 -4.27
CA VAL C 92 3.81 16.14 -3.35
C VAL C 92 2.51 16.53 -2.67
N CYS C 93 2.48 16.45 -1.34
CA CYS C 93 1.34 16.96 -0.57
C CYS C 93 1.32 18.46 -0.77
N TYR C 94 0.21 18.99 -1.28
CA TYR C 94 0.18 20.41 -1.70
C TYR C 94 0.61 21.27 -0.51
N ASP C 95 1.79 21.88 -0.66
CA ASP C 95 2.41 22.71 0.39
C ASP C 95 1.57 23.93 0.78
N ASP C 96 0.71 24.36 -0.13
CA ASP C 96 -0.41 25.29 0.15
C ASP C 96 -1.06 25.06 1.53
N ARG C 97 -1.23 23.80 1.89
CA ARG C 97 -1.75 23.41 3.19
C ARG C 97 -0.80 23.84 4.33
N PHE C 98 0.48 23.52 4.20
CA PHE C 98 1.50 23.91 5.21
C PHE C 98 1.62 25.43 5.28
N ILE C 99 1.54 26.08 4.12
CA ILE C 99 1.56 27.53 4.03
C ILE C 99 0.39 28.16 4.81
N VAL C 100 -0.84 27.75 4.49
CA VAL C 100 -2.03 28.40 5.04
C VAL C 100 -2.22 28.13 6.54
N LYS C 101 -2.12 26.86 6.94
CA LYS C 101 -2.33 26.48 8.34
C LYS C 101 -1.24 27.06 9.25
N LEU C 102 0.02 27.01 8.85
CA LEU C 102 1.10 27.60 9.65
C LEU C 102 0.82 29.06 9.89
N ALA C 103 0.58 29.78 8.81
CA ALA C 103 0.32 31.22 8.84
C ALA C 103 -0.78 31.59 9.84
N PHE C 104 -1.97 31.00 9.66
CA PHE C 104 -3.11 31.19 10.56
C PHE C 104 -2.74 31.01 12.02
N GLU C 105 -2.17 29.84 12.33
CA GLU C 105 -1.85 29.48 13.70
C GLU C 105 -0.61 30.23 14.24
N SER C 106 0.15 30.86 13.36
CA SER C 106 1.13 31.88 13.73
C SER C 106 0.50 33.28 13.89
N ASP C 107 -0.69 33.49 13.32
CA ASP C 107 -1.27 34.81 13.03
C ASP C 107 -0.32 35.61 12.13
N GLY C 108 -0.10 35.09 10.93
CA GLY C 108 0.90 35.62 10.02
C GLY C 108 0.34 36.03 8.68
N ILE C 109 1.23 36.16 7.70
CA ILE C 109 0.87 36.47 6.31
C ILE C 109 1.43 35.42 5.37
N ILE C 110 0.72 35.24 4.25
CA ILE C 110 1.08 34.28 3.23
C ILE C 110 1.55 35.07 2.03
N VAL C 111 2.82 34.88 1.65
CA VAL C 111 3.40 35.55 0.49
C VAL C 111 3.16 34.68 -0.74
N SER C 112 2.25 35.10 -1.62
CA SER C 112 1.91 34.31 -2.81
C SER C 112 1.16 35.16 -3.83
N ASN C 113 1.39 34.88 -5.12
CA ASN C 113 0.55 35.41 -6.22
C ASN C 113 -0.56 34.43 -6.61
N ASP C 114 -0.62 33.27 -5.94
CA ASP C 114 -1.63 32.26 -6.19
C ASP C 114 -2.84 32.57 -5.32
N ASN C 115 -4.04 32.60 -5.92
CA ASN C 115 -5.25 33.07 -5.24
C ASN C 115 -5.66 32.20 -4.04
N TYR C 116 -5.36 30.90 -4.10
CA TYR C 116 -5.77 29.91 -3.11
C TYR C 116 -7.30 29.78 -2.97
N ARG C 117 -8.00 29.78 -4.10
CA ARG C 117 -9.46 29.59 -4.11
C ARG C 117 -9.90 28.15 -3.84
N ASP C 118 -9.05 27.16 -4.16
CA ASP C 118 -9.38 25.74 -3.94
C ASP C 118 -9.45 25.36 -2.45
N LEU C 119 -8.51 25.86 -1.64
CA LEU C 119 -8.50 25.62 -0.18
C LEU C 119 -9.32 26.64 0.63
N ALA C 120 -9.77 27.72 -0.01
CA ALA C 120 -10.84 28.55 0.55
C ALA C 120 -12.18 27.80 0.51
N ASN C 121 -12.30 26.87 -0.43
CA ASN C 121 -13.47 25.99 -0.55
C ASN C 121 -13.56 24.95 0.57
N GLU C 122 -12.40 24.53 1.11
CA GLU C 122 -12.32 23.38 2.00
C GLU C 122 -12.54 23.70 3.49
N LYS C 123 -12.25 24.93 3.92
CA LYS C 123 -12.40 25.32 5.32
C LYS C 123 -12.94 26.76 5.49
N PRO C 124 -13.63 27.05 6.61
CA PRO C 124 -14.29 28.35 6.79
C PRO C 124 -13.38 29.53 7.10
N GLU C 125 -12.48 29.36 8.08
CA GLU C 125 -11.48 30.40 8.39
C GLU C 125 -10.47 30.54 7.25
N TRP C 126 -10.16 29.44 6.56
CA TRP C 126 -9.22 29.43 5.42
C TRP C 126 -9.70 30.33 4.28
N LYS C 127 -11.02 30.53 4.17
CA LYS C 127 -11.60 31.55 3.31
C LYS C 127 -11.26 32.95 3.81
N LYS C 128 -11.54 33.21 5.08
CA LYS C 128 -11.40 34.55 5.67
C LYS C 128 -9.94 34.99 5.79
N PHE C 129 -9.13 34.15 6.42
CA PHE C 129 -7.73 34.45 6.71
C PHE C 129 -6.93 34.79 5.45
N ILE C 130 -7.13 33.99 4.40
CA ILE C 130 -6.47 34.21 3.11
C ILE C 130 -6.96 35.51 2.44
N ASP C 131 -8.26 35.78 2.50
CA ASP C 131 -8.83 37.01 1.92
C ASP C 131 -8.33 38.31 2.57
N GLU C 132 -7.81 38.21 3.79
CA GLU C 132 -7.20 39.35 4.51
C GLU C 132 -5.68 39.29 4.73
N ARG C 133 -5.04 38.11 4.64
CA ARG C 133 -3.60 37.97 4.95
C ARG C 133 -2.70 37.43 3.81
N LEU C 134 -3.23 37.39 2.59
CA LEU C 134 -2.44 37.07 1.40
C LEU C 134 -1.84 38.36 0.85
N LEU C 135 -0.52 38.50 0.89
CA LEU C 135 0.18 39.63 0.25
C LEU C 135 0.87 39.16 -1.04
N MET C 136 0.42 39.74 -2.15
CA MET C 136 0.88 39.37 -3.47
C MET C 136 2.09 40.21 -3.82
N TYR C 137 2.75 39.87 -4.92
CA TYR C 137 3.99 40.57 -5.31
C TYR C 137 4.14 40.59 -6.80
N SER C 138 5.11 41.39 -7.26
CA SER C 138 5.56 41.36 -8.64
C SER C 138 7.08 41.40 -8.64
N PHE C 139 7.69 40.63 -9.54
CA PHE C 139 9.13 40.67 -9.75
C PHE C 139 9.41 41.47 -11.02
N VAL C 140 10.20 42.54 -10.90
CA VAL C 140 10.74 43.24 -12.07
C VAL C 140 12.27 43.31 -11.91
N ASN C 141 12.98 42.77 -12.90
CA ASN C 141 14.40 42.41 -12.80
C ASN C 141 14.68 41.66 -11.46
N ASP C 142 15.77 41.98 -10.76
CA ASP C 142 16.12 41.27 -9.51
C ASP C 142 15.86 42.13 -8.26
N LYS C 143 14.62 42.62 -8.15
CA LYS C 143 14.18 43.34 -6.95
C LYS C 143 12.75 42.92 -6.57
N PHE C 144 12.58 42.51 -5.32
CA PHE C 144 11.29 42.08 -4.79
C PHE C 144 10.39 43.29 -4.54
N MET C 145 9.28 43.38 -5.27
CA MET C 145 8.32 44.48 -5.09
C MET C 145 6.97 44.01 -4.58
N PRO C 146 6.70 44.19 -3.27
CA PRO C 146 5.31 44.14 -2.81
C PRO C 146 4.55 45.40 -3.25
N PRO C 147 3.22 45.31 -3.38
CA PRO C 147 2.44 46.52 -3.56
C PRO C 147 2.35 47.31 -2.25
N ASP C 148 2.23 48.62 -2.36
CA ASP C 148 1.90 49.47 -1.22
C ASP C 148 0.47 49.22 -0.74
N ASP C 149 -0.41 48.80 -1.67
CA ASP C 149 -1.82 48.51 -1.38
C ASP C 149 -2.14 46.99 -1.43
N PRO C 150 -1.85 46.26 -0.33
CA PRO C 150 -2.14 44.81 -0.30
C PRO C 150 -3.63 44.44 -0.37
N LEU C 151 -4.52 45.36 0.00
CA LEU C 151 -5.93 45.29 -0.40
C LEU C 151 -6.10 46.16 -1.65
N GLY C 152 -6.94 45.72 -2.58
CA GLY C 152 -7.10 46.38 -3.87
C GLY C 152 -7.82 47.73 -3.88
N ARG C 153 -8.44 48.08 -2.75
CA ARG C 153 -8.96 49.43 -2.53
C ARG C 153 -7.84 50.35 -2.01
N HIS C 154 -8.19 51.59 -1.65
CA HIS C 154 -7.26 52.55 -1.06
C HIS C 154 -7.26 52.32 0.46
N GLY C 155 -7.10 51.06 0.85
CA GLY C 155 -7.46 50.60 2.20
C GLY C 155 -6.22 50.33 3.02
N PRO C 156 -6.13 49.17 3.70
CA PRO C 156 -5.03 48.95 4.63
C PRO C 156 -3.66 48.95 3.95
N SER C 157 -2.84 49.94 4.30
CA SER C 157 -1.51 50.09 3.69
C SER C 157 -0.57 48.96 4.09
N LEU C 158 0.57 48.88 3.38
CA LEU C 158 1.67 48.02 3.80
C LEU C 158 2.24 48.63 5.10
N ASP C 159 3.27 48.01 5.69
CA ASP C 159 3.70 48.31 7.06
C ASP C 159 2.61 47.91 8.05
N ASN C 160 1.48 48.61 8.07
CA ASN C 160 0.31 48.21 8.86
C ASN C 160 -0.08 46.75 8.60
N PHE C 161 -0.03 46.36 7.31
CA PHE C 161 -0.27 44.97 6.89
C PHE C 161 0.78 43.98 7.44
N LEU C 162 2.06 44.36 7.35
CA LEU C 162 3.17 43.54 7.88
C LEU C 162 3.34 43.61 9.41
N ARG C 163 3.01 44.76 10.01
CA ARG C 163 3.26 45.02 11.42
C ARG C 163 2.14 44.42 12.29
N LYS C 164 0.89 44.70 11.90
CA LYS C 164 -0.29 44.16 12.58
C LYS C 164 -1.22 43.53 11.55
N GLU D 3 -2.90 -42.76 -20.32
CA GLU D 3 -3.49 -42.22 -19.05
C GLU D 3 -2.98 -42.99 -17.84
N ASN D 4 -1.75 -42.69 -17.43
CA ASN D 4 -1.07 -43.44 -16.35
C ASN D 4 -1.16 -42.71 -15.02
N LEU D 5 -0.22 -41.82 -14.70
CA LEU D 5 -0.16 -41.17 -13.38
C LEU D 5 -1.26 -40.09 -13.23
N ARG D 6 -1.95 -40.07 -12.08
CA ARG D 6 -3.09 -39.18 -11.85
C ARG D 6 -2.68 -37.72 -11.54
N PRO D 7 -3.65 -36.77 -11.58
CA PRO D 7 -3.40 -35.43 -11.02
C PRO D 7 -3.22 -35.44 -9.48
N VAL D 8 -2.42 -34.49 -8.98
CA VAL D 8 -2.06 -34.42 -7.56
C VAL D 8 -2.20 -32.99 -7.01
N VAL D 9 -3.23 -32.77 -6.19
CA VAL D 9 -3.45 -31.50 -5.50
C VAL D 9 -2.91 -31.63 -4.06
N ILE D 10 -1.86 -30.89 -3.73
CA ILE D 10 -1.19 -30.98 -2.43
C ILE D 10 -1.58 -29.80 -1.53
N ASN D 11 -1.74 -30.08 -0.24
CA ASN D 11 -1.99 -29.07 0.78
C ASN D 11 -0.63 -28.57 1.24
N GLY D 12 -0.15 -27.50 0.61
CA GLY D 12 1.19 -26.99 0.88
C GLY D 12 1.39 -26.67 2.34
N SER D 13 0.45 -25.88 2.90
CA SER D 13 0.49 -25.49 4.32
C SER D 13 0.80 -26.67 5.20
N ASN D 14 0.01 -27.71 5.07
CA ASN D 14 0.15 -28.94 5.87
C ASN D 14 1.43 -29.71 5.60
N VAL D 15 1.88 -29.70 4.34
CA VAL D 15 3.17 -30.31 4.03
C VAL D 15 4.28 -29.46 4.66
N ALA D 16 4.20 -28.14 4.49
CA ALA D 16 5.16 -27.21 5.08
C ALA D 16 5.16 -27.26 6.61
N MET D 17 3.97 -27.32 7.22
CA MET D 17 3.85 -27.45 8.67
C MET D 17 4.37 -28.79 9.17
N SER D 18 4.21 -29.83 8.36
CA SER D 18 4.70 -31.18 8.69
C SER D 18 6.18 -31.47 8.34
N HIS D 19 6.81 -30.70 7.46
CA HIS D 19 8.28 -30.83 7.25
C HIS D 19 9.03 -29.98 8.29
N GLY D 20 10.09 -30.53 8.87
CA GLY D 20 10.88 -29.84 9.90
C GLY D 20 10.17 -29.79 11.24
N ASN D 21 10.18 -28.62 11.89
CA ASN D 21 9.47 -28.42 13.18
C ASN D 21 7.97 -28.34 12.96
N LYS D 22 7.19 -28.76 13.96
CA LYS D 22 5.72 -28.77 13.88
C LYS D 22 5.09 -27.38 13.62
N GLU D 23 5.80 -26.30 13.96
CA GLU D 23 5.30 -24.91 13.83
C GLU D 23 6.05 -23.99 12.84
N VAL D 24 7.09 -24.47 12.15
CA VAL D 24 7.66 -23.72 11.01
C VAL D 24 7.02 -24.10 9.66
N PHE D 25 6.77 -23.12 8.79
CA PHE D 25 6.29 -23.36 7.42
C PHE D 25 7.49 -23.70 6.54
N SER D 26 7.92 -24.96 6.61
CA SER D 26 9.11 -25.42 5.91
C SER D 26 8.80 -25.65 4.43
N CYS D 27 9.07 -24.62 3.62
CA CYS D 27 8.79 -24.66 2.18
C CYS D 27 9.54 -25.75 1.41
N ARG D 28 10.69 -26.19 1.94
CA ARG D 28 11.41 -27.36 1.40
C ARG D 28 10.55 -28.63 1.37
N GLY D 29 9.59 -28.72 2.30
CA GLY D 29 8.65 -29.82 2.33
C GLY D 29 7.81 -29.90 1.08
N ILE D 30 7.39 -28.74 0.59
CA ILE D 30 6.52 -28.67 -0.57
C ILE D 30 7.24 -29.21 -1.80
N LYS D 31 8.49 -28.79 -2.02
CA LYS D 31 9.23 -29.30 -3.18
C LYS D 31 9.62 -30.74 -2.99
N LEU D 32 9.98 -31.15 -1.77
CA LEU D 32 10.22 -32.56 -1.47
C LEU D 32 9.00 -33.44 -1.80
N ALA D 33 7.82 -32.95 -1.44
CA ALA D 33 6.56 -33.59 -1.81
C ALA D 33 6.33 -33.60 -3.31
N VAL D 34 6.57 -32.45 -3.95
CA VAL D 34 6.41 -32.31 -5.41
C VAL D 34 7.47 -33.13 -6.16
N ASP D 35 8.74 -32.95 -5.80
CA ASP D 35 9.85 -33.76 -6.32
C ASP D 35 9.50 -35.24 -6.36
N TRP D 36 8.86 -35.74 -5.30
CA TRP D 36 8.48 -37.15 -5.24
C TRP D 36 7.48 -37.51 -6.35
N PHE D 37 6.47 -36.67 -6.53
CA PHE D 37 5.47 -36.88 -7.60
C PHE D 37 6.06 -36.63 -8.99
N LEU D 38 7.02 -35.70 -9.09
CA LEU D 38 7.74 -35.46 -10.34
C LEU D 38 8.71 -36.60 -10.66
N GLU D 39 9.50 -37.01 -9.66
CA GLU D 39 10.41 -38.16 -9.78
C GLU D 39 9.69 -39.39 -10.28
N ARG D 40 8.42 -39.56 -9.88
CA ARG D 40 7.53 -40.55 -10.48
C ARG D 40 7.26 -40.26 -11.94
N GLY D 41 6.86 -39.02 -12.23
CA GLY D 41 6.49 -38.58 -13.58
C GLY D 41 5.17 -37.84 -13.71
N HIS D 42 4.47 -37.61 -12.59
CA HIS D 42 3.25 -36.79 -12.57
C HIS D 42 3.51 -35.41 -13.17
N LYS D 43 2.92 -35.13 -14.34
CA LYS D 43 3.00 -33.80 -14.93
C LYS D 43 1.96 -32.83 -14.33
N ASP D 44 0.79 -33.37 -13.96
CA ASP D 44 -0.30 -32.59 -13.35
C ASP D 44 -0.16 -32.55 -11.83
N ILE D 45 0.52 -31.52 -11.33
CA ILE D 45 0.73 -31.34 -9.90
C ILE D 45 0.30 -29.92 -9.52
N THR D 46 -0.49 -29.79 -8.46
CA THR D 46 -0.93 -28.49 -7.96
C THR D 46 -0.68 -28.44 -6.46
N VAL D 47 -0.01 -27.40 -5.98
CA VAL D 47 0.09 -27.13 -4.54
C VAL D 47 -0.59 -25.81 -4.25
N PHE D 48 -1.68 -25.87 -3.49
CA PHE D 48 -2.35 -24.66 -3.02
C PHE D 48 -1.70 -24.17 -1.73
N VAL D 49 -1.36 -22.88 -1.67
CA VAL D 49 -0.89 -22.21 -0.43
C VAL D 49 -1.56 -20.85 -0.35
N PRO D 50 -1.91 -20.37 0.87
CA PRO D 50 -2.45 -18.98 0.90
C PRO D 50 -1.42 -17.92 0.48
N ALA D 51 -1.88 -16.81 -0.13
CA ALA D 51 -0.98 -15.69 -0.45
C ALA D 51 -0.44 -15.00 0.82
N TRP D 52 -1.18 -15.13 1.92
CA TRP D 52 -0.75 -14.66 3.26
C TRP D 52 0.65 -15.13 3.71
N ARG D 53 1.09 -16.31 3.25
CA ARG D 53 2.46 -16.78 3.51
C ARG D 53 3.56 -16.04 2.75
N LYS D 54 3.23 -15.51 1.57
CA LYS D 54 4.20 -14.75 0.77
C LYS D 54 4.59 -13.39 1.40
N GLU D 55 3.85 -12.94 2.41
CA GLU D 55 4.28 -11.83 3.29
C GLU D 55 5.60 -12.20 3.98
N GLN D 56 6.19 -11.25 4.71
CA GLN D 56 7.41 -11.53 5.49
C GLN D 56 7.15 -12.60 6.57
N SER D 57 8.20 -13.04 7.24
CA SER D 57 8.11 -14.21 8.13
C SER D 57 7.45 -13.98 9.49
N ARG D 58 7.48 -12.74 9.99
CA ARG D 58 7.18 -12.45 11.40
C ARG D 58 5.73 -12.14 11.84
N PRO D 59 4.78 -11.90 10.91
CA PRO D 59 3.35 -11.83 11.32
C PRO D 59 2.90 -12.94 12.27
N ASP D 60 3.26 -14.19 11.94
CA ASP D 60 3.15 -15.32 12.87
C ASP D 60 4.00 -16.49 12.36
N ALA D 61 4.54 -17.26 13.30
CA ALA D 61 5.39 -18.43 13.00
C ALA D 61 6.69 -18.02 12.28
N LEU D 62 7.40 -19.02 11.74
CA LEU D 62 8.52 -18.79 10.82
C LEU D 62 8.26 -19.54 9.52
N ILE D 63 8.70 -18.96 8.41
CA ILE D 63 8.54 -19.57 7.08
C ILE D 63 9.90 -19.60 6.39
N THR D 64 10.63 -20.69 6.62
CA THR D 64 11.94 -20.88 5.99
C THR D 64 11.81 -21.16 4.49
N ASP D 65 12.79 -20.70 3.73
CA ASP D 65 12.97 -21.04 2.32
C ASP D 65 11.81 -20.55 1.44
N GLN D 66 11.32 -19.35 1.74
CA GLN D 66 10.23 -18.70 0.98
C GLN D 66 10.45 -18.78 -0.53
N GLU D 67 11.68 -18.49 -0.96
CA GLU D 67 12.13 -18.58 -2.36
C GLU D 67 11.47 -19.67 -3.19
N ILE D 68 11.23 -20.82 -2.55
CA ILE D 68 10.57 -21.96 -3.19
C ILE D 68 9.12 -21.66 -3.60
N LEU D 69 8.42 -20.83 -2.83
CA LEU D 69 7.03 -20.43 -3.14
C LEU D 69 6.91 -19.53 -4.36
N ARG D 70 7.87 -18.63 -4.56
CA ARG D 70 7.96 -17.81 -5.78
C ARG D 70 8.37 -18.66 -6.98
N LYS D 71 9.27 -19.60 -6.76
CA LYS D 71 9.54 -20.68 -7.73
C LYS D 71 8.34 -21.64 -7.58
N LEU D 72 8.33 -22.79 -8.24
CA LEU D 72 7.13 -23.68 -8.26
C LEU D 72 5.86 -23.02 -8.85
N GLU D 73 5.43 -21.87 -8.33
CA GLU D 73 4.52 -20.96 -9.06
C GLU D 73 5.01 -20.68 -10.47
N LYS D 74 6.27 -20.27 -10.57
CA LYS D 74 6.97 -20.05 -11.85
C LYS D 74 6.76 -21.22 -12.80
N GLU D 75 6.81 -22.43 -12.25
CA GLU D 75 6.53 -23.66 -12.99
C GLU D 75 5.02 -23.97 -13.17
N LYS D 76 4.14 -23.08 -12.71
CA LYS D 76 2.68 -23.29 -12.67
C LYS D 76 2.26 -24.58 -11.91
N ILE D 77 3.02 -24.91 -10.85
CA ILE D 77 2.73 -26.03 -9.95
C ILE D 77 2.12 -25.54 -8.62
N LEU D 78 2.52 -24.38 -8.12
CA LEU D 78 1.95 -23.82 -6.89
C LEU D 78 0.99 -22.68 -7.25
N VAL D 79 -0.14 -22.60 -6.55
CA VAL D 79 -1.13 -21.51 -6.70
C VAL D 79 -1.38 -20.91 -5.32
N PHE D 80 -1.55 -19.59 -5.25
CA PHE D 80 -1.93 -18.95 -4.00
C PHE D 80 -3.45 -18.87 -3.89
N THR D 81 -4.02 -19.37 -2.78
CA THR D 81 -5.46 -19.22 -2.53
C THR D 81 -5.75 -17.77 -2.09
N PRO D 82 -7.04 -17.38 -2.14
CA PRO D 82 -7.39 -16.02 -1.75
C PRO D 82 -7.33 -15.76 -0.24
N SER D 83 -6.48 -14.81 0.17
CA SER D 83 -6.45 -14.29 1.53
C SER D 83 -6.18 -12.79 1.46
N ARG D 84 -6.54 -12.05 2.51
CA ARG D 84 -6.34 -10.59 2.53
C ARG D 84 -6.26 -10.01 3.94
N ARG D 85 -6.29 -8.69 4.04
CA ARG D 85 -6.32 -7.98 5.32
C ARG D 85 -7.53 -7.03 5.39
N VAL D 86 -8.67 -7.57 5.82
CA VAL D 86 -9.78 -6.75 6.34
C VAL D 86 -9.64 -6.66 7.87
N GLN D 87 -9.20 -7.77 8.48
CA GLN D 87 -8.90 -7.88 9.90
C GLN D 87 -7.51 -8.50 10.06
N VAL D 91 -8.65 -12.35 7.82
CA VAL D 91 -9.56 -13.27 7.15
C VAL D 91 -8.85 -14.08 6.07
N VAL D 92 -9.20 -15.36 5.98
CA VAL D 92 -8.58 -16.30 5.06
C VAL D 92 -9.67 -17.18 4.46
N CYS D 93 -9.63 -17.38 3.14
CA CYS D 93 -10.47 -18.39 2.50
C CYS D 93 -9.91 -19.76 2.84
N TYR D 94 -10.79 -20.68 3.25
CA TYR D 94 -10.39 -22.06 3.52
C TYR D 94 -9.73 -22.67 2.27
N ASP D 95 -8.40 -22.62 2.27
CA ASP D 95 -7.53 -23.22 1.25
C ASP D 95 -7.87 -24.67 0.95
N ASP D 96 -8.27 -25.40 1.98
CA ASP D 96 -8.63 -26.82 1.87
C ASP D 96 -9.86 -27.09 0.98
N ARG D 97 -10.70 -26.08 0.76
CA ARG D 97 -11.85 -26.19 -0.14
C ARG D 97 -11.44 -26.16 -1.62
N PHE D 98 -10.39 -25.39 -1.94
CA PHE D 98 -9.83 -25.35 -3.30
C PHE D 98 -9.13 -26.66 -3.62
N ILE D 99 -8.49 -27.25 -2.61
CA ILE D 99 -7.80 -28.53 -2.74
C ILE D 99 -8.82 -29.56 -3.19
N VAL D 100 -9.86 -29.71 -2.38
CA VAL D 100 -10.91 -30.71 -2.63
C VAL D 100 -11.70 -30.39 -3.90
N LYS D 101 -11.92 -29.11 -4.20
CA LYS D 101 -12.66 -28.70 -5.41
C LYS D 101 -11.92 -29.09 -6.70
N LEU D 102 -10.61 -28.82 -6.75
CA LEU D 102 -9.78 -29.17 -7.90
C LEU D 102 -9.66 -30.68 -8.10
N ALA D 103 -9.29 -31.38 -7.03
CA ALA D 103 -9.06 -32.83 -7.07
C ALA D 103 -10.33 -33.64 -7.37
N PHE D 104 -11.46 -33.18 -6.80
CA PHE D 104 -12.78 -33.74 -7.11
C PHE D 104 -13.13 -33.55 -8.59
N GLU D 105 -12.97 -32.33 -9.08
CA GLU D 105 -13.33 -31.98 -10.45
C GLU D 105 -12.39 -32.54 -11.52
N SER D 106 -11.18 -32.98 -11.13
CA SER D 106 -10.21 -33.56 -12.06
C SER D 106 -9.78 -35.00 -11.68
N ASP D 107 -10.50 -35.65 -10.76
CA ASP D 107 -10.21 -37.02 -10.29
C ASP D 107 -8.76 -37.25 -9.78
N GLY D 108 -8.12 -36.21 -9.27
CA GLY D 108 -6.75 -36.30 -8.75
C GLY D 108 -6.72 -36.74 -7.31
N ILE D 109 -5.53 -37.12 -6.82
CA ILE D 109 -5.35 -37.44 -5.39
C ILE D 109 -5.11 -36.16 -4.56
N ILE D 110 -5.31 -36.29 -3.25
CA ILE D 110 -5.27 -35.19 -2.27
C ILE D 110 -4.17 -35.50 -1.28
N VAL D 111 -3.17 -34.63 -1.14
CA VAL D 111 -2.04 -34.87 -0.24
C VAL D 111 -2.16 -34.00 1.01
N SER D 112 -2.58 -34.62 2.12
CA SER D 112 -2.74 -33.93 3.39
C SER D 112 -2.86 -34.99 4.47
N ASN D 113 -2.49 -34.62 5.69
CA ASN D 113 -2.77 -35.44 6.89
C ASN D 113 -4.12 -35.04 7.51
N ASP D 114 -4.52 -33.79 7.31
CA ASP D 114 -5.86 -33.32 7.66
C ASP D 114 -6.94 -34.16 6.95
N ASN D 115 -7.99 -34.53 7.69
CA ASN D 115 -9.16 -35.24 7.15
C ASN D 115 -10.20 -34.32 6.49
N TYR D 116 -10.14 -33.02 6.79
CA TYR D 116 -11.09 -32.00 6.30
C TYR D 116 -12.54 -32.23 6.77
N ARG D 117 -12.73 -32.92 7.89
CA ARG D 117 -14.08 -33.31 8.35
C ARG D 117 -15.07 -32.13 8.36
N ASP D 118 -14.60 -30.94 8.74
CA ASP D 118 -15.36 -29.69 8.63
C ASP D 118 -15.99 -29.44 7.26
N LEU D 119 -15.21 -29.62 6.19
CA LEU D 119 -15.68 -29.41 4.81
C LEU D 119 -16.15 -30.71 4.15
N ALA D 120 -15.36 -31.77 4.30
CA ALA D 120 -15.67 -33.12 3.78
C ALA D 120 -17.13 -33.53 3.93
N ASN D 121 -17.71 -33.21 5.09
CA ASN D 121 -19.14 -33.41 5.39
C ASN D 121 -20.10 -32.87 4.30
N GLU D 122 -19.79 -31.69 3.76
CA GLU D 122 -20.64 -31.00 2.74
C GLU D 122 -21.24 -31.90 1.66
N LYS D 123 -20.48 -32.89 1.21
CA LYS D 123 -20.97 -33.83 0.20
C LYS D 123 -20.30 -35.22 0.36
N PRO D 124 -21.09 -36.31 0.28
CA PRO D 124 -20.57 -37.68 0.31
C PRO D 124 -20.00 -38.13 -1.03
N GLU D 125 -20.42 -37.51 -2.14
CA GLU D 125 -19.74 -37.62 -3.42
C GLU D 125 -18.31 -37.06 -3.32
N TRP D 126 -18.14 -35.97 -2.58
CA TRP D 126 -16.81 -35.46 -2.23
C TRP D 126 -16.06 -36.48 -1.37
N LYS D 127 -16.74 -36.99 -0.34
CA LYS D 127 -16.12 -37.98 0.54
C LYS D 127 -15.87 -39.33 -0.09
N LYS D 128 -16.60 -39.68 -1.15
CA LYS D 128 -16.26 -40.84 -1.99
C LYS D 128 -14.81 -40.70 -2.47
N PHE D 129 -14.51 -39.53 -3.05
CA PHE D 129 -13.16 -39.19 -3.49
C PHE D 129 -12.18 -39.04 -2.33
N ILE D 130 -12.55 -38.23 -1.34
CA ILE D 130 -11.71 -37.98 -0.14
C ILE D 130 -11.28 -39.31 0.48
N ASP D 131 -12.25 -40.22 0.68
CA ASP D 131 -11.97 -41.54 1.29
C ASP D 131 -10.87 -42.32 0.56
N GLU D 132 -10.97 -42.43 -0.77
CA GLU D 132 -10.03 -43.23 -1.56
C GLU D 132 -8.98 -42.45 -2.36
N ARG D 133 -8.97 -41.12 -2.25
CA ARG D 133 -8.00 -40.26 -2.95
C ARG D 133 -7.20 -39.32 -2.02
N LEU D 134 -7.31 -39.48 -0.70
CA LEU D 134 -6.51 -38.71 0.25
C LEU D 134 -5.23 -39.47 0.59
N LEU D 135 -4.09 -39.01 0.06
CA LEU D 135 -2.79 -39.63 0.40
C LEU D 135 -2.12 -38.91 1.56
N MET D 136 -1.94 -39.64 2.66
CA MET D 136 -1.26 -39.12 3.83
C MET D 136 0.22 -39.47 3.65
N TYR D 137 1.02 -39.08 4.63
CA TYR D 137 2.46 -39.23 4.52
C TYR D 137 3.06 -39.00 5.89
N SER D 138 4.33 -39.34 6.00
CA SER D 138 5.14 -38.96 7.15
C SER D 138 6.45 -38.43 6.62
N PHE D 139 6.92 -37.32 7.19
CA PHE D 139 8.25 -36.82 6.89
C PHE D 139 9.24 -37.51 7.79
N VAL D 140 10.31 -38.04 7.20
CA VAL D 140 11.42 -38.62 7.95
C VAL D 140 12.74 -37.96 7.54
N ASN D 141 13.08 -36.89 8.25
CA ASN D 141 14.17 -35.99 7.89
C ASN D 141 13.77 -35.25 6.58
N ASP D 142 14.37 -35.58 5.44
CA ASP D 142 13.94 -35.04 4.13
C ASP D 142 13.25 -36.11 3.27
N LYS D 143 12.76 -37.17 3.90
CA LYS D 143 12.03 -38.21 3.18
C LYS D 143 10.52 -37.99 3.33
N PHE D 144 9.93 -37.34 2.32
CA PHE D 144 8.50 -37.43 2.06
C PHE D 144 8.24 -38.89 1.76
N MET D 145 7.75 -39.63 2.76
CA MET D 145 7.50 -41.06 2.62
C MET D 145 5.99 -41.32 2.68
N PRO D 146 5.33 -41.41 1.51
CA PRO D 146 3.94 -41.86 1.53
C PRO D 146 3.82 -43.37 1.83
N PRO D 147 2.67 -43.80 2.38
CA PRO D 147 2.49 -45.22 2.74
C PRO D 147 2.20 -46.11 1.54
N ASP D 148 2.58 -47.38 1.65
CA ASP D 148 2.29 -48.40 0.63
C ASP D 148 0.84 -48.93 0.70
N ASP D 149 0.18 -48.68 1.83
CA ASP D 149 -1.18 -49.14 2.09
C ASP D 149 -2.08 -47.94 2.45
N PRO D 150 -2.16 -46.92 1.55
CA PRO D 150 -2.73 -45.62 1.88
C PRO D 150 -4.22 -45.59 2.26
N LEU D 151 -4.98 -46.59 1.83
CA LEU D 151 -6.40 -46.73 2.18
C LEU D 151 -6.66 -47.89 3.18
N GLY D 152 -5.60 -48.40 3.79
CA GLY D 152 -5.67 -49.55 4.71
C GLY D 152 -5.11 -50.83 4.10
N ARG D 153 -5.26 -51.93 4.82
CA ARG D 153 -4.93 -53.27 4.31
C ARG D 153 -6.01 -53.74 3.35
N HIS D 154 -7.27 -53.49 3.72
CA HIS D 154 -8.42 -53.78 2.85
C HIS D 154 -8.39 -52.99 1.53
N GLY D 155 -7.93 -51.74 1.59
CA GLY D 155 -7.89 -50.86 0.43
C GLY D 155 -6.73 -51.16 -0.51
N PRO D 156 -6.71 -50.49 -1.68
CA PRO D 156 -5.72 -50.78 -2.73
C PRO D 156 -4.29 -50.41 -2.37
N SER D 157 -3.37 -50.73 -3.28
CA SER D 157 -1.96 -50.35 -3.12
C SER D 157 -1.74 -48.88 -3.41
N LEU D 158 -0.48 -48.46 -3.28
CA LEU D 158 -0.08 -47.10 -3.61
C LEU D 158 -0.13 -46.83 -5.12
N ASP D 159 0.01 -47.87 -5.94
CA ASP D 159 -0.05 -47.74 -7.41
C ASP D 159 -1.48 -47.71 -7.91
N ASN D 160 -2.31 -48.63 -7.41
CA ASN D 160 -3.76 -48.58 -7.64
C ASN D 160 -4.36 -47.26 -7.13
N PHE D 161 -3.72 -46.68 -6.11
CA PHE D 161 -4.00 -45.32 -5.65
C PHE D 161 -3.53 -44.28 -6.66
N LEU D 162 -2.24 -44.28 -6.99
CA LEU D 162 -1.60 -43.18 -7.75
C LEU D 162 -1.72 -43.19 -9.28
N ARG D 163 -2.17 -44.30 -9.87
CA ARG D 163 -2.26 -44.42 -11.33
C ARG D 163 -3.69 -44.63 -11.82
N LYS D 164 -3.90 -44.37 -13.12
CA LYS D 164 -5.21 -44.40 -13.78
C LYS D 164 -5.31 -45.60 -14.73
#